data_9HY8
#
_entry.id   9HY8
#
_cell.length_a   47.582
_cell.length_b   98.129
_cell.length_c   127.126
_cell.angle_alpha   90.00
_cell.angle_beta   90.00
_cell.angle_gamma   90.00
#
_symmetry.space_group_name_H-M   'P 21 21 21'
#
loop_
_entity.id
_entity.type
_entity.pdbx_description
1 polymer 'Receptor-interacting serine/threonine-protein kinase 1'
2 non-polymer 1-[2,5-bis(chloranyl)phenyl]carbonyl-~{N}-[(4-methylphenyl)methyl]piperidine-4-carboxamide
3 non-polymer 'IODIDE ION'
4 non-polymer N-[(1S)-1-(2-chloro-6-fluorophenyl)ethyl]-5-cyano-1-methyl-1H-pyrrole-2-carboxamide
5 water water
#
_entity_poly.entity_id   1
_entity_poly.type   'polypeptide(L)'
_entity_poly.pdbx_seq_one_letter_code
;GSGMQPDMSLNVIKMKSSDFLESAELDSGGFGKVSLAFHRTQGLMIMKTVYKGPNCIEHNEALLEEAKMMNRLRHSRVVK
LLGVIIEEGKYSLVMEYMEKGNLMHVLKAEMSTPLSVKGRIILEIIEGMAYLHGKGVIHKDLKPENILVDNDFHIKIADL
GLASFKMWSKLNNEEHNELREVDGTAKKNGGTLYYMAPEHLNDVNAKPTEKSDVYSFAVVLWAIFANKEPYENAIAEQQL
IMAIKSGNRPDVDDITEYCPREIISLMKLCWEANPEARPTFPGIEEKFRPFYLSQLE
;
_entity_poly.pdbx_strand_id   A,B
#
# COMPACT_ATOMS: atom_id res chain seq x y z
N ASN A 11 -17.03 12.17 2.49
CA ASN A 11 -16.30 12.47 1.20
C ASN A 11 -15.72 13.89 1.18
N VAL A 12 -16.62 14.87 1.31
CA VAL A 12 -16.29 16.30 1.18
C VAL A 12 -15.53 16.83 2.40
N ILE A 13 -14.47 17.61 2.15
CA ILE A 13 -14.06 18.65 3.08
C ILE A 13 -14.05 19.90 2.22
N LYS A 14 -15.23 20.52 2.11
CA LYS A 14 -15.37 21.87 1.61
C LYS A 14 -14.88 22.81 2.73
N MET A 15 -13.88 23.62 2.44
CA MET A 15 -13.38 24.66 3.35
C MET A 15 -13.93 26.03 2.97
N LYS A 16 -13.90 26.95 3.94
CA LYS A 16 -14.17 28.39 3.71
C LYS A 16 -12.87 29.15 3.95
N SER A 17 -12.81 30.36 3.42
CA SER A 17 -11.66 31.29 3.65
C SER A 17 -11.52 31.67 5.13
N SER A 18 -12.66 31.90 5.79
CA SER A 18 -12.81 32.06 7.24
C SER A 18 -12.05 31.05 8.12
N ASP A 19 -11.88 29.80 7.65
CA ASP A 19 -11.11 28.77 8.38
C ASP A 19 -9.60 29.08 8.57
N PHE A 20 -9.05 30.00 7.79
CA PHE A 20 -7.63 30.33 7.76
C PHE A 20 -7.38 31.66 8.43
N LEU A 21 -6.54 31.63 9.48
CA LEU A 21 -6.20 32.80 10.30
C LEU A 21 -5.42 33.83 9.54
N GLU A 22 -4.39 33.37 8.84
CA GLU A 22 -3.53 34.19 7.97
C GLU A 22 -3.12 33.38 6.74
N SER A 23 -2.48 34.03 5.76
CA SER A 23 -2.02 33.34 4.52
C SER A 23 -0.93 34.09 3.72
N ALA A 24 0.33 33.74 3.99
CA ALA A 24 1.51 34.33 3.34
C ALA A 24 1.77 33.84 1.92
N GLU A 25 1.96 34.77 0.98
CA GLU A 25 2.08 34.43 -0.47
C GLU A 25 3.40 33.75 -0.83
N LEU A 26 3.33 32.84 -1.80
CA LEU A 26 4.50 32.14 -2.37
C LEU A 26 4.66 32.48 -3.86
N ASP A 27 5.81 32.09 -4.39
CA ASP A 27 6.25 32.43 -5.77
C ASP A 27 5.27 32.09 -6.92
N LYS A 33 -1.55 30.94 -8.39
CA LYS A 33 -1.33 31.73 -7.17
C LYS A 33 -1.19 30.85 -5.91
N VAL A 34 0.00 30.28 -5.73
CA VAL A 34 0.32 29.40 -4.58
C VAL A 34 0.65 30.24 -3.35
N SER A 35 0.21 29.76 -2.18
CA SER A 35 0.19 30.55 -0.95
C SER A 35 0.23 29.66 0.31
N LEU A 36 1.04 30.04 1.28
CA LEU A 36 1.14 29.39 2.60
C LEU A 36 -0.13 29.79 3.37
N ALA A 37 -0.73 28.87 4.13
CA ALA A 37 -2.01 29.14 4.81
C ALA A 37 -2.14 28.37 6.12
N PHE A 38 -2.38 29.08 7.24
CA PHE A 38 -2.50 28.44 8.57
CA PHE A 38 -2.47 28.50 8.56
C PHE A 38 -3.98 28.26 8.85
N HIS A 39 -4.42 27.01 8.93
CA HIS A 39 -5.82 26.64 9.25
C HIS A 39 -6.05 26.79 10.75
N ARG A 40 -7.29 27.10 11.14
CA ARG A 40 -7.64 27.37 12.56
C ARG A 40 -7.35 26.19 13.52
N THR A 41 -8.00 25.06 13.27
CA THR A 41 -7.80 23.81 14.03
C THR A 41 -6.70 22.83 13.52
N GLN A 42 -6.22 22.99 12.29
CA GLN A 42 -5.45 21.94 11.57
C GLN A 42 -4.01 22.28 11.13
N GLY A 43 -3.54 23.50 11.39
CA GLY A 43 -2.14 23.84 11.17
C GLY A 43 -1.79 24.30 9.78
N LEU A 44 -0.50 24.20 9.45
CA LEU A 44 0.05 24.80 8.24
C LEU A 44 -0.30 23.97 7.01
N MET A 45 -0.71 24.67 5.95
CA MET A 45 -1.14 24.09 4.68
C MET A 45 -0.67 24.99 3.54
N ILE A 46 -0.85 24.49 2.32
CA ILE A 46 -0.45 25.17 1.10
C ILE A 46 -1.72 25.26 0.25
N MET A 47 -1.99 26.46 -0.29
CA MET A 47 -3.24 26.79 -0.98
C MET A 47 -2.93 27.39 -2.36
N LYS A 48 -3.42 26.73 -3.42
CA LYS A 48 -3.44 27.30 -4.78
C LYS A 48 -4.84 27.84 -5.00
N THR A 49 -4.96 29.16 -5.12
CA THR A 49 -6.18 29.82 -5.57
C THR A 49 -6.08 29.92 -7.09
N VAL A 50 -6.74 28.99 -7.78
CA VAL A 50 -6.62 28.83 -9.24
C VAL A 50 -7.32 29.91 -10.06
N TYR A 51 -8.44 30.46 -9.54
CA TYR A 51 -9.25 31.47 -10.23
C TYR A 51 -9.81 32.51 -9.23
N LYS A 52 -9.72 33.79 -9.61
CA LYS A 52 -10.38 34.92 -8.91
C LYS A 52 -10.93 35.88 -9.96
N GLY A 53 -12.25 36.07 -9.97
CA GLY A 53 -12.89 36.84 -11.05
C GLY A 53 -14.40 36.95 -10.90
N PRO A 54 -15.15 37.03 -12.03
CA PRO A 54 -16.61 36.98 -11.92
C PRO A 54 -17.16 35.63 -11.46
N ASN A 55 -18.43 35.62 -11.03
CA ASN A 55 -19.11 34.40 -10.60
C ASN A 55 -19.34 33.53 -11.84
N CYS A 56 -18.72 32.34 -11.86
CA CYS A 56 -18.61 31.48 -13.05
C CYS A 56 -19.94 30.83 -13.44
N ILE A 57 -20.02 30.37 -14.70
CA ILE A 57 -21.13 29.49 -15.15
C ILE A 57 -21.08 28.18 -14.39
N GLU A 58 -22.24 27.54 -14.17
CA GLU A 58 -22.35 26.41 -13.24
C GLU A 58 -21.54 25.17 -13.67
N HIS A 59 -20.23 25.23 -13.42
CA HIS A 59 -19.29 24.12 -13.53
C HIS A 59 -18.78 23.74 -12.12
N ASN A 60 -19.44 24.23 -11.06
CA ASN A 60 -19.05 23.98 -9.67
C ASN A 60 -19.16 22.48 -9.34
N GLU A 61 -20.31 21.89 -9.67
CA GLU A 61 -20.55 20.44 -9.55
C GLU A 61 -19.46 19.58 -10.21
N ALA A 62 -19.06 19.98 -11.42
CA ALA A 62 -17.96 19.31 -12.18
C ALA A 62 -16.63 19.45 -11.47
N LEU A 63 -16.29 20.69 -11.11
CA LEU A 63 -15.10 21.02 -10.34
C LEU A 63 -15.05 20.28 -8.99
N LEU A 64 -16.20 20.24 -8.30
CA LEU A 64 -16.32 19.58 -6.98
C LEU A 64 -16.22 18.06 -7.08
N GLU A 65 -16.90 17.48 -8.07
CA GLU A 65 -16.75 16.03 -8.39
C GLU A 65 -15.29 15.67 -8.73
N GLU A 66 -14.61 16.55 -9.48
CA GLU A 66 -13.20 16.37 -9.80
C GLU A 66 -12.29 16.44 -8.56
N ALA A 67 -12.57 17.40 -7.69
CA ALA A 67 -11.94 17.51 -6.35
C ALA A 67 -12.19 16.29 -5.46
N LYS A 68 -13.42 15.78 -5.47
CA LYS A 68 -13.77 14.46 -4.87
C LYS A 68 -12.89 13.32 -5.39
N MET A 69 -12.64 13.30 -6.71
CA MET A 69 -11.76 12.27 -7.34
C MET A 69 -10.30 12.38 -6.90
N MET A 70 -9.77 13.60 -6.81
CA MET A 70 -8.43 13.88 -6.17
C MET A 70 -8.31 13.40 -4.72
N ASN A 71 -9.40 13.56 -3.99
CA ASN A 71 -9.52 13.19 -2.58
C ASN A 71 -9.66 11.68 -2.34
N ARG A 72 -10.18 10.94 -3.33
CA ARG A 72 -10.21 9.46 -3.26
C ARG A 72 -8.80 8.84 -3.35
N LEU A 73 -7.83 9.59 -3.88
CA LEU A 73 -6.42 9.18 -3.93
C LEU A 73 -5.76 9.36 -2.56
N ARG A 74 -5.86 8.31 -1.74
CA ARG A 74 -5.35 8.29 -0.36
C ARG A 74 -4.26 7.21 -0.23
N HIS A 75 -3.00 7.65 -0.15
CA HIS A 75 -1.86 6.75 0.02
C HIS A 75 -0.66 7.52 0.59
N SER A 76 0.11 6.85 1.47
CA SER A 76 1.29 7.43 2.16
C SER A 76 2.36 8.11 1.29
N ARG A 77 2.52 7.64 0.05
CA ARG A 77 3.44 8.25 -0.94
C ARG A 77 2.74 9.10 -2.01
N VAL A 78 1.53 9.61 -1.74
CA VAL A 78 0.75 10.48 -2.66
C VAL A 78 0.19 11.67 -1.84
N VAL A 79 0.26 12.91 -2.38
CA VAL A 79 -0.30 14.09 -1.65
C VAL A 79 -1.84 14.09 -1.55
N LYS A 80 -2.32 14.31 -0.32
CA LYS A 80 -3.77 14.41 -0.03
C LYS A 80 -4.20 15.84 -0.24
N LEU A 81 -5.16 16.05 -1.14
CA LEU A 81 -5.97 17.26 -1.19
C LEU A 81 -6.83 17.30 0.08
N LEU A 82 -6.56 18.27 0.95
CA LEU A 82 -7.24 18.39 2.24
C LEU A 82 -8.57 19.12 2.16
N GLY A 83 -8.64 20.12 1.28
CA GLY A 83 -9.90 20.78 1.00
C GLY A 83 -9.93 21.64 -0.25
N VAL A 84 -11.14 22.11 -0.50
CA VAL A 84 -11.47 22.92 -1.65
C VAL A 84 -12.36 24.08 -1.18
N ILE A 85 -12.05 25.29 -1.66
CA ILE A 85 -12.83 26.50 -1.35
C ILE A 85 -13.44 26.97 -2.65
N ILE A 86 -14.77 27.02 -2.68
CA ILE A 86 -15.53 27.57 -3.80
C ILE A 86 -16.45 28.64 -3.23
N GLU A 87 -16.00 29.89 -3.28
CA GLU A 87 -16.72 31.07 -2.81
C GLU A 87 -17.12 31.94 -4.01
N GLU A 88 -17.88 33.01 -3.75
CA GLU A 88 -18.32 33.93 -4.80
C GLU A 88 -17.13 34.57 -5.55
N GLY A 89 -16.84 34.02 -6.73
CA GLY A 89 -15.74 34.49 -7.58
C GLY A 89 -14.35 34.20 -7.03
N LYS A 90 -14.18 33.03 -6.41
CA LYS A 90 -12.90 32.60 -5.82
C LYS A 90 -12.86 31.07 -5.72
N TYR A 91 -11.92 30.44 -6.42
CA TYR A 91 -11.79 28.97 -6.50
C TYR A 91 -10.38 28.57 -6.07
N SER A 92 -10.28 27.80 -4.98
CA SER A 92 -8.99 27.39 -4.40
C SER A 92 -8.96 25.92 -3.97
N LEU A 93 -7.78 25.33 -4.08
CA LEU A 93 -7.50 23.99 -3.62
C LEU A 93 -6.45 24.08 -2.51
N VAL A 94 -6.50 23.16 -1.55
CA VAL A 94 -5.69 23.18 -0.32
C VAL A 94 -5.07 21.77 -0.11
N MET A 95 -3.74 21.73 -0.01
CA MET A 95 -2.98 20.50 0.26
C MET A 95 -2.14 20.56 1.53
N GLU A 96 -1.63 19.39 1.92
CA GLU A 96 -0.74 19.24 3.06
C GLU A 96 0.61 19.95 2.85
N TYR A 97 1.18 20.42 3.96
CA TYR A 97 2.45 21.14 3.95
C TYR A 97 3.59 20.13 3.88
N MET A 98 4.43 20.25 2.85
CA MET A 98 5.65 19.45 2.70
C MET A 98 6.86 20.39 2.89
N GLU A 99 7.61 20.16 3.98
CA GLU A 99 8.65 21.10 4.44
C GLU A 99 9.81 21.29 3.48
N LYS A 100 10.43 20.19 3.01
CA LYS A 100 11.63 20.27 2.13
C LYS A 100 11.35 20.63 0.64
N GLY A 101 10.08 20.77 0.24
CA GLY A 101 9.74 21.16 -1.15
C GLY A 101 9.94 20.05 -2.17
N ASN A 102 10.13 20.41 -3.44
CA ASN A 102 10.22 19.42 -4.54
C ASN A 102 11.56 18.66 -4.52
N LEU A 103 11.62 17.58 -5.30
CA LEU A 103 12.77 16.66 -5.30
C LEU A 103 14.03 17.30 -5.83
N MET A 104 13.92 18.06 -6.92
CA MET A 104 15.10 18.73 -7.52
C MET A 104 15.75 19.76 -6.59
N HIS A 105 14.94 20.52 -5.88
CA HIS A 105 15.44 21.47 -4.87
C HIS A 105 16.24 20.75 -3.74
N VAL A 106 15.74 19.59 -3.32
CA VAL A 106 16.40 18.73 -2.32
C VAL A 106 17.72 18.16 -2.84
N LEU A 107 17.72 17.71 -4.10
CA LEU A 107 18.95 17.21 -4.75
C LEU A 107 20.02 18.31 -4.90
N LYS A 108 19.59 19.50 -5.34
CA LYS A 108 20.50 20.64 -5.57
C LYS A 108 21.05 21.28 -4.28
N ALA A 109 20.17 21.50 -3.30
CA ALA A 109 20.57 22.05 -2.00
C ALA A 109 21.46 21.09 -1.18
N GLU A 110 22.52 21.63 -0.58
CA GLU A 110 23.50 20.83 0.19
C GLU A 110 22.98 20.57 1.59
N SER A 112 24.36 16.11 -1.78
CA SER A 112 24.96 15.33 -0.70
C SER A 112 23.94 14.44 0.03
N THR A 113 22.99 13.88 -0.72
CA THR A 113 22.06 12.86 -0.20
C THR A 113 22.71 11.47 -0.31
N PRO A 114 22.59 10.61 0.72
CA PRO A 114 23.13 9.24 0.59
C PRO A 114 22.36 8.36 -0.40
N LEU A 115 23.06 7.37 -0.95
CA LEU A 115 22.49 6.28 -1.77
C LEU A 115 21.29 5.59 -1.11
N SER A 116 21.39 5.35 0.21
CA SER A 116 20.31 4.75 1.02
C SER A 116 19.03 5.58 1.02
N VAL A 117 19.18 6.91 1.08
CA VAL A 117 18.05 7.84 1.03
C VAL A 117 17.45 7.88 -0.39
N LYS A 118 18.31 7.98 -1.40
CA LYS A 118 17.87 8.05 -2.81
C LYS A 118 17.20 6.75 -3.27
N GLY A 119 17.78 5.62 -2.89
CA GLY A 119 17.18 4.30 -3.06
C GLY A 119 15.79 4.18 -2.45
N ARG A 120 15.65 4.68 -1.21
CA ARG A 120 14.33 4.75 -0.56
C ARG A 120 13.38 5.71 -1.27
N ILE A 121 13.90 6.87 -1.73
CA ILE A 121 13.12 7.83 -2.53
C ILE A 121 12.57 7.19 -3.80
N ILE A 122 13.42 6.42 -4.48
CA ILE A 122 13.01 5.66 -5.65
C ILE A 122 11.91 4.65 -5.29
N LEU A 123 12.12 3.88 -4.21
CA LEU A 123 11.13 2.88 -3.74
C LEU A 123 9.77 3.51 -3.41
N GLU A 124 9.79 4.68 -2.78
CA GLU A 124 8.56 5.42 -2.46
C GLU A 124 7.89 5.96 -3.74
N ILE A 125 8.68 6.48 -4.69
CA ILE A 125 8.17 6.85 -6.04
C ILE A 125 7.46 5.66 -6.74
N ILE A 126 8.04 4.47 -6.63
CA ILE A 126 7.48 3.24 -7.22
C ILE A 126 6.18 2.84 -6.50
N GLU A 127 6.23 2.79 -5.16
CA GLU A 127 5.05 2.55 -4.31
C GLU A 127 3.88 3.49 -4.64
N GLY A 128 4.18 4.77 -4.86
CA GLY A 128 3.17 5.80 -5.12
C GLY A 128 2.56 5.72 -6.50
N MET A 129 3.41 5.59 -7.53
CA MET A 129 2.96 5.39 -8.91
C MET A 129 2.17 4.10 -9.10
N ALA A 130 2.58 3.03 -8.40
CA ALA A 130 1.85 1.76 -8.39
C ALA A 130 0.43 1.90 -7.85
N TYR A 131 0.27 2.68 -6.76
CA TYR A 131 -1.05 3.01 -6.18
C TYR A 131 -1.91 3.75 -7.21
N LEU A 132 -1.34 4.80 -7.80
CA LEU A 132 -1.99 5.62 -8.82
C LEU A 132 -2.52 4.82 -10.00
N HIS A 133 -1.65 4.00 -10.57
CA HIS A 133 -2.03 3.11 -11.69
C HIS A 133 -3.09 2.08 -11.25
N GLY A 134 -2.93 1.54 -10.03
CA GLY A 134 -3.94 0.69 -9.38
C GLY A 134 -5.34 1.29 -9.18
N LYS A 135 -5.39 2.62 -9.07
CA LYS A 135 -6.64 3.40 -9.08
C LYS A 135 -7.07 3.90 -10.50
N GLY A 136 -6.47 3.36 -11.56
CA GLY A 136 -6.70 3.82 -12.93
C GLY A 136 -6.23 5.23 -13.26
N VAL A 137 -5.29 5.78 -12.50
CA VAL A 137 -4.78 7.14 -12.69
C VAL A 137 -3.40 7.08 -13.32
N ILE A 138 -3.33 7.49 -14.58
CA ILE A 138 -2.07 7.80 -15.24
C ILE A 138 -1.73 9.27 -14.92
N HIS A 139 -0.48 9.50 -14.56
CA HIS A 139 0.09 10.83 -14.34
C HIS A 139 0.57 11.36 -15.69
N LYS A 140 -0.04 12.41 -16.21
CA LYS A 140 0.33 12.93 -17.53
C LYS A 140 1.68 13.65 -17.55
N ASP A 141 1.98 14.40 -16.49
CA ASP A 141 3.22 15.18 -16.29
C ASP A 141 4.06 14.80 -15.02
N LEU A 142 4.54 13.56 -14.93
CA LEU A 142 5.48 13.15 -13.83
C LEU A 142 6.88 13.76 -14.02
N LYS A 143 7.46 14.31 -12.96
CA LYS A 143 8.78 14.98 -12.99
C LYS A 143 9.25 15.36 -11.56
N PRO A 144 10.54 15.75 -11.36
CA PRO A 144 11.02 16.10 -10.03
C PRO A 144 10.29 17.24 -9.32
N GLU A 145 9.87 18.24 -10.09
CA GLU A 145 8.99 19.33 -9.58
C GLU A 145 7.67 18.82 -8.95
N ASN A 146 7.13 17.73 -9.49
CA ASN A 146 5.94 17.02 -8.95
C ASN A 146 6.21 15.91 -7.92
N ILE A 147 7.43 15.81 -7.42
CA ILE A 147 7.77 14.87 -6.34
C ILE A 147 8.19 15.76 -5.17
N LEU A 148 7.29 15.89 -4.19
CA LEU A 148 7.52 16.69 -2.97
C LEU A 148 8.12 15.84 -1.87
N VAL A 149 8.94 16.45 -1.03
CA VAL A 149 9.80 15.80 -0.05
C VAL A 149 9.49 16.40 1.34
N ASP A 150 9.22 15.55 2.33
CA ASP A 150 8.96 16.02 3.70
C ASP A 150 10.27 16.20 4.51
N ASN A 151 10.08 16.70 5.73
CA ASN A 151 11.17 16.91 6.71
CA ASN A 151 11.09 16.86 6.80
C ASN A 151 12.10 15.70 6.98
N ASP A 152 11.58 14.48 6.90
CA ASP A 152 12.35 13.23 7.12
C ASP A 152 12.75 12.51 5.80
N PHE A 153 12.88 13.27 4.71
CA PHE A 153 13.21 12.74 3.36
C PHE A 153 12.28 11.65 2.76
N HIS A 154 11.07 11.55 3.28
CA HIS A 154 10.03 10.71 2.70
C HIS A 154 9.34 11.58 1.66
N ILE A 155 8.85 10.97 0.57
CA ILE A 155 8.25 11.73 -0.55
C ILE A 155 6.76 11.47 -0.72
N LYS A 156 6.14 12.35 -1.50
CA LYS A 156 4.77 12.20 -2.01
C LYS A 156 4.70 12.73 -3.44
N ILE A 157 4.04 11.97 -4.31
CA ILE A 157 3.86 12.36 -5.73
C ILE A 157 2.64 13.26 -5.81
N ALA A 158 2.72 14.26 -6.69
CA ALA A 158 1.74 15.35 -6.79
C ALA A 158 1.49 15.72 -8.24
N ASP A 159 0.41 16.47 -8.48
CA ASP A 159 0.04 16.98 -9.82
C ASP A 159 -0.22 18.48 -9.70
N LEU A 160 0.85 19.20 -9.41
CA LEU A 160 0.77 20.64 -9.09
C LEU A 160 0.35 21.54 -10.27
N GLY A 161 0.58 21.08 -11.50
CA GLY A 161 0.10 21.77 -12.69
C GLY A 161 -1.33 21.45 -13.11
N LEU A 162 -2.00 20.54 -12.38
CA LEU A 162 -3.36 20.09 -12.67
C LEU A 162 -3.50 19.45 -14.07
N ALA A 163 -2.50 18.71 -14.51
CA ALA A 163 -2.47 18.06 -15.84
C ALA A 163 -3.54 17.00 -16.02
N SER A 164 -3.70 16.14 -15.01
CA SER A 164 -4.69 15.05 -15.04
C SER A 164 -6.14 15.47 -14.75
N PHE A 165 -6.33 16.66 -14.19
CA PHE A 165 -7.65 17.19 -13.82
C PHE A 165 -8.10 18.24 -14.82
N LYS A 166 -8.97 17.80 -15.74
CA LYS A 166 -9.33 18.58 -16.94
C LYS A 166 -10.09 19.90 -16.69
N MET A 167 -11.05 19.87 -15.77
CA MET A 167 -11.90 21.04 -15.48
C MET A 167 -11.17 22.16 -14.74
N TRP A 168 -10.41 21.80 -13.69
CA TRP A 168 -9.58 22.78 -12.95
C TRP A 168 -8.46 23.40 -13.82
N SER A 169 -7.82 22.55 -14.63
CA SER A 169 -6.86 22.97 -15.68
C SER A 169 -7.43 23.99 -16.68
N LYS A 170 -8.67 23.77 -17.10
CA LYS A 170 -9.38 24.70 -18.00
C LYS A 170 -9.71 26.03 -17.30
N LEU A 171 -10.10 25.94 -16.02
CA LEU A 171 -10.38 27.14 -15.20
C LEU A 171 -9.19 28.10 -15.05
N ASN A 172 -7.96 27.56 -15.04
CA ASN A 172 -6.73 28.36 -15.10
C ASN A 172 -6.56 28.96 -16.48
N GLY A 191 11.22 21.42 -16.74
CA GLY A 191 11.49 21.09 -18.15
C GLY A 191 10.60 19.95 -18.59
N THR A 192 9.33 20.28 -18.85
CA THR A 192 8.24 19.30 -18.98
C THR A 192 8.34 18.38 -20.21
N LEU A 193 8.86 18.90 -21.33
CA LEU A 193 9.20 18.11 -22.53
C LEU A 193 10.25 16.99 -22.30
N TYR A 194 11.17 17.21 -21.36
CA TYR A 194 12.29 16.29 -21.11
C TYR A 194 11.86 14.94 -20.53
N TYR A 195 10.78 14.95 -19.75
CA TYR A 195 10.21 13.74 -19.11
C TYR A 195 9.08 13.07 -19.93
N MET A 196 8.66 13.71 -21.02
CA MET A 196 7.56 13.26 -21.89
C MET A 196 8.07 12.21 -22.86
N ALA A 197 7.28 11.15 -23.06
CA ALA A 197 7.68 9.99 -23.85
C ALA A 197 7.64 10.32 -25.34
N PRO A 198 8.55 9.72 -26.16
CA PRO A 198 8.63 10.04 -27.60
C PRO A 198 7.35 9.77 -28.40
N GLU A 199 6.58 8.74 -28.01
CA GLU A 199 5.24 8.52 -28.58
C GLU A 199 4.29 9.74 -28.49
N HIS A 200 4.44 10.52 -27.41
CA HIS A 200 3.70 11.77 -27.22
C HIS A 200 4.32 12.96 -27.96
N LEU A 201 5.65 12.98 -28.08
CA LEU A 201 6.36 14.01 -28.89
C LEU A 201 5.96 13.95 -30.36
N ASN A 202 5.78 12.73 -30.88
CA ASN A 202 5.30 12.50 -32.26
C ASN A 202 3.83 12.90 -32.45
N ASP A 203 2.97 12.46 -31.52
CA ASP A 203 1.51 12.51 -31.65
C ASP A 203 0.84 13.08 -30.40
N VAL A 204 0.41 14.33 -30.50
CA VAL A 204 -0.32 15.03 -29.41
C VAL A 204 -1.71 14.47 -29.09
N ASN A 205 -2.36 13.84 -30.09
CA ASN A 205 -3.66 13.14 -29.87
C ASN A 205 -3.59 11.79 -29.16
N ALA A 206 -2.39 11.21 -29.02
CA ALA A 206 -2.16 9.94 -28.32
C ALA A 206 -2.41 10.02 -26.84
N LYS A 207 -3.53 9.43 -26.43
CA LYS A 207 -3.87 9.21 -25.01
C LYS A 207 -2.77 8.43 -24.27
N PRO A 208 -2.32 8.93 -23.09
CA PRO A 208 -1.26 8.21 -22.38
C PRO A 208 -1.70 6.90 -21.73
N THR A 209 -0.70 6.11 -21.36
CA THR A 209 -0.85 4.77 -20.79
C THR A 209 0.06 4.62 -19.56
N GLU A 210 0.05 3.45 -18.92
CA GLU A 210 0.94 3.15 -17.79
C GLU A 210 2.42 3.25 -18.15
N LYS A 211 2.76 2.93 -19.40
CA LYS A 211 4.16 2.99 -19.88
C LYS A 211 4.63 4.43 -20.15
N SER A 212 3.71 5.36 -20.43
CA SER A 212 4.00 6.81 -20.51
C SER A 212 4.76 7.37 -19.31
N ASP A 213 4.31 6.95 -18.12
CA ASP A 213 4.90 7.34 -16.83
C ASP A 213 6.21 6.64 -16.50
N VAL A 214 6.34 5.39 -16.96
CA VAL A 214 7.59 4.62 -16.77
C VAL A 214 8.75 5.31 -17.50
N TYR A 215 8.50 5.86 -18.70
CA TYR A 215 9.51 6.71 -19.40
C TYR A 215 9.92 7.90 -18.53
N SER A 216 8.92 8.60 -18.01
CA SER A 216 9.15 9.76 -17.13
C SER A 216 9.99 9.37 -15.91
N PHE A 217 9.56 8.27 -15.26
CA PHE A 217 10.27 7.65 -14.13
C PHE A 217 11.75 7.34 -14.40
N ALA A 218 12.07 6.95 -15.63
CA ALA A 218 13.46 6.74 -16.05
C ALA A 218 14.30 8.01 -16.04
N VAL A 219 13.76 9.09 -16.60
CA VAL A 219 14.49 10.39 -16.61
C VAL A 219 14.54 10.99 -15.18
N VAL A 220 13.52 10.69 -14.36
CA VAL A 220 13.54 10.98 -12.91
C VAL A 220 14.69 10.27 -12.20
N LEU A 221 14.88 8.98 -12.52
CA LEU A 221 16.01 8.19 -11.97
C LEU A 221 17.33 8.85 -12.30
N TRP A 222 17.50 9.22 -13.58
CA TRP A 222 18.71 9.94 -14.04
C TRP A 222 18.93 11.25 -13.29
N ALA A 223 17.84 12.00 -13.10
CA ALA A 223 17.88 13.25 -12.35
C ALA A 223 18.32 13.04 -10.90
N ILE A 224 17.82 11.96 -10.28
CA ILE A 224 18.15 11.61 -8.89
C ILE A 224 19.64 11.36 -8.69
N PHE A 225 20.31 10.74 -9.67
CA PHE A 225 21.77 10.51 -9.61
C PHE A 225 22.63 11.59 -10.28
N ALA A 226 22.05 12.37 -11.21
CA ALA A 226 22.71 13.56 -11.77
C ALA A 226 22.59 14.82 -10.89
N ASN A 227 21.63 14.87 -9.97
CA ASN A 227 21.33 16.06 -9.14
C ASN A 227 21.10 17.35 -9.95
N LYS A 228 20.48 17.20 -11.12
CA LYS A 228 20.21 18.33 -12.03
C LYS A 228 19.16 17.99 -13.06
N GLU A 229 18.55 19.04 -13.61
CA GLU A 229 17.59 18.89 -14.72
C GLU A 229 18.36 18.49 -15.99
N PRO A 230 17.75 17.62 -16.83
CA PRO A 230 18.48 17.11 -18.01
C PRO A 230 18.53 18.07 -19.21
N TYR A 231 19.47 17.77 -20.12
CA TYR A 231 19.62 18.45 -21.41
C TYR A 231 20.13 19.90 -21.32
N GLU A 232 21.21 20.09 -20.55
CA GLU A 232 21.90 21.38 -20.49
C GLU A 232 22.68 21.65 -21.77
N ALA A 236 16.81 25.92 -29.58
CA ALA A 236 17.34 24.85 -28.75
C ALA A 236 16.25 23.91 -28.18
N GLU A 237 15.14 24.48 -27.73
CA GLU A 237 13.96 23.70 -27.28
C GLU A 237 13.30 22.94 -28.45
N GLN A 238 13.08 23.65 -29.55
CA GLN A 238 12.49 23.07 -30.77
C GLN A 238 13.36 21.96 -31.38
N GLN A 239 14.66 22.21 -31.42
CA GLN A 239 15.63 21.28 -32.04
C GLN A 239 15.73 19.95 -31.30
N LEU A 240 15.71 20.00 -29.97
CA LEU A 240 15.86 18.81 -29.10
C LEU A 240 14.80 17.69 -29.27
N ILE A 241 13.56 18.10 -29.58
CA ILE A 241 12.41 17.20 -29.75
C ILE A 241 12.57 16.18 -30.89
N MET A 242 13.18 16.61 -32.00
CA MET A 242 13.53 15.70 -33.11
C MET A 242 14.56 14.64 -32.70
N ALA A 243 15.61 15.08 -31.98
CA ALA A 243 16.67 14.17 -31.49
C ALA A 243 16.19 13.06 -30.55
N ILE A 244 15.24 13.41 -29.67
CA ILE A 244 14.69 12.46 -28.68
C ILE A 244 13.82 11.40 -29.39
N LYS A 245 12.90 11.87 -30.24
CA LYS A 245 12.11 10.99 -31.13
C LYS A 245 13.00 10.15 -32.08
N SER A 246 14.14 10.70 -32.48
CA SER A 246 15.20 9.96 -33.20
C SER A 246 16.07 9.00 -32.36
N GLY A 247 15.82 8.89 -31.05
CA GLY A 247 16.46 7.91 -30.16
C GLY A 247 17.27 8.44 -28.98
N ASN A 248 17.50 9.76 -28.90
CA ASN A 248 18.38 10.35 -27.87
C ASN A 248 17.78 10.18 -26.48
N ARG A 249 18.67 10.06 -25.49
CA ARG A 249 18.33 9.98 -24.07
C ARG A 249 19.28 10.89 -23.28
N PRO A 250 19.13 10.98 -21.94
CA PRO A 250 20.13 11.73 -21.16
C PRO A 250 21.55 11.15 -21.24
N ASP A 251 22.57 12.01 -21.19
CA ASP A 251 23.97 11.58 -21.10
C ASP A 251 24.19 10.86 -19.77
N VAL A 252 24.34 9.53 -19.83
CA VAL A 252 24.58 8.69 -18.65
C VAL A 252 25.98 8.95 -18.08
N ASP A 253 26.95 9.29 -18.94
CA ASP A 253 28.31 9.68 -18.50
C ASP A 253 28.40 10.95 -17.63
N ASP A 254 27.34 11.79 -17.62
CA ASP A 254 27.21 12.87 -16.64
C ASP A 254 26.82 12.45 -15.19
N ILE A 255 26.47 11.17 -14.96
CA ILE A 255 26.27 10.61 -13.60
C ILE A 255 27.65 10.29 -13.00
N THR A 256 28.35 11.35 -12.62
CA THR A 256 29.71 11.27 -12.06
C THR A 256 29.73 10.66 -10.64
N GLU A 257 28.61 10.82 -9.91
CA GLU A 257 28.32 10.07 -8.68
C GLU A 257 28.23 8.54 -8.97
N TYR A 258 28.63 7.71 -8.00
CA TYR A 258 28.40 6.24 -8.06
C TYR A 258 26.89 5.92 -8.05
N CYS A 259 26.41 5.46 -9.20
CA CYS A 259 25.08 4.87 -9.36
C CYS A 259 25.29 3.37 -9.60
N PRO A 260 24.56 2.48 -8.86
CA PRO A 260 24.66 1.04 -9.12
C PRO A 260 24.25 0.61 -10.53
N ARG A 261 24.86 -0.47 -11.02
CA ARG A 261 24.58 -1.00 -12.37
C ARG A 261 23.13 -1.43 -12.55
N GLU A 262 22.53 -2.03 -11.52
CA GLU A 262 21.12 -2.47 -11.57
C GLU A 262 20.09 -1.33 -11.70
N ILE A 263 20.40 -0.15 -11.16
CA ILE A 263 19.58 1.06 -11.37
C ILE A 263 19.80 1.66 -12.78
N ILE A 264 21.05 1.68 -13.26
CA ILE A 264 21.34 2.14 -14.65
C ILE A 264 20.67 1.20 -15.66
N SER A 265 20.76 -0.11 -15.40
CA SER A 265 20.01 -1.14 -16.14
C SER A 265 18.51 -0.86 -16.17
N LEU A 266 17.95 -0.54 -15.01
CA LEU A 266 16.53 -0.23 -14.88
C LEU A 266 16.11 0.97 -15.73
N MET A 267 16.85 2.08 -15.68
CA MET A 267 16.46 3.31 -16.41
C MET A 267 16.52 3.16 -17.93
N LYS A 268 17.56 2.47 -18.43
CA LYS A 268 17.66 2.08 -19.84
C LYS A 268 16.41 1.33 -20.29
N LEU A 269 15.96 0.39 -19.46
CA LEU A 269 14.76 -0.43 -19.74
C LEU A 269 13.48 0.39 -19.64
N CYS A 270 13.40 1.20 -18.58
CA CYS A 270 12.25 2.09 -18.36
C CYS A 270 12.09 3.18 -19.44
N TRP A 271 13.18 3.63 -20.08
CA TRP A 271 13.10 4.63 -21.18
C TRP A 271 13.16 4.07 -22.61
N GLU A 272 12.91 2.77 -22.78
CA GLU A 272 12.95 2.14 -24.12
C GLU A 272 11.88 2.78 -25.03
N ALA A 273 12.21 2.97 -26.32
CA ALA A 273 11.35 3.70 -27.27
C ALA A 273 9.99 3.01 -27.51
N ASN A 274 10.01 1.67 -27.61
CA ASN A 274 8.79 0.86 -27.67
C ASN A 274 8.19 0.77 -26.26
N PRO A 275 6.92 1.24 -26.07
CA PRO A 275 6.27 1.11 -24.74
C PRO A 275 6.07 -0.32 -24.22
N GLU A 276 5.80 -1.28 -25.12
CA GLU A 276 5.67 -2.71 -24.72
C GLU A 276 6.96 -3.32 -24.12
N ALA A 277 8.12 -2.77 -24.48
CA ALA A 277 9.41 -3.11 -23.84
C ALA A 277 9.53 -2.65 -22.39
N ARG A 278 8.97 -1.48 -22.06
CA ARG A 278 9.05 -0.90 -20.70
C ARG A 278 8.24 -1.74 -19.70
N PRO A 279 8.72 -1.91 -18.45
CA PRO A 279 7.99 -2.69 -17.45
C PRO A 279 6.80 -1.92 -16.84
N THR A 280 5.97 -2.65 -16.08
CA THR A 280 4.94 -2.04 -15.23
C THR A 280 5.55 -1.73 -13.86
N PHE A 281 4.90 -0.85 -13.12
CA PHE A 281 5.37 -0.49 -11.77
C PHE A 281 5.28 -1.63 -10.74
N PRO A 282 4.25 -2.50 -10.81
CA PRO A 282 4.25 -3.77 -10.06
C PRO A 282 5.44 -4.67 -10.37
N GLY A 283 5.81 -4.76 -11.65
CA GLY A 283 7.02 -5.46 -12.10
C GLY A 283 8.31 -4.84 -11.57
N ILE A 284 8.37 -3.51 -11.54
CA ILE A 284 9.53 -2.79 -10.98
C ILE A 284 9.61 -2.98 -9.45
N GLU A 285 8.47 -2.87 -8.76
CA GLU A 285 8.42 -3.02 -7.29
C GLU A 285 8.84 -4.41 -6.80
N GLU A 286 8.34 -5.45 -7.48
CA GLU A 286 8.68 -6.85 -7.18
C GLU A 286 10.19 -7.10 -7.17
N LYS A 287 10.92 -6.48 -8.12
CA LYS A 287 12.39 -6.56 -8.22
C LYS A 287 13.10 -5.56 -7.28
N PHE A 288 12.69 -4.30 -7.33
CA PHE A 288 13.42 -3.21 -6.64
C PHE A 288 13.35 -3.26 -5.10
N ARG A 289 12.23 -3.72 -4.54
CA ARG A 289 12.07 -3.84 -3.07
C ARG A 289 13.10 -4.82 -2.43
N PRO A 290 13.33 -6.01 -3.02
CA PRO A 290 14.48 -6.84 -2.62
C PRO A 290 15.85 -6.15 -2.74
N PHE A 291 16.09 -5.47 -3.87
CA PHE A 291 17.34 -4.74 -4.14
C PHE A 291 17.60 -3.65 -3.12
N TYR A 292 16.55 -2.90 -2.75
CA TYR A 292 16.64 -1.86 -1.73
C TYR A 292 17.11 -2.41 -0.37
N LEU A 293 16.49 -3.49 0.09
CA LEU A 293 16.74 -4.02 1.44
C LEU A 293 18.09 -4.72 1.59
N SER A 294 18.49 -5.50 0.59
CA SER A 294 19.77 -6.22 0.60
C SER A 294 21.00 -5.33 0.41
N GLN A 295 20.91 -4.38 -0.54
CA GLN A 295 22.05 -3.52 -0.94
C GLN A 295 22.00 -2.06 -0.46
N LEU A 296 20.86 -1.41 -0.62
CA LEU A 296 20.75 0.07 -0.45
C LEU A 296 20.50 0.57 0.98
N GLU A 297 19.62 -0.11 1.72
CA GLU A 297 19.12 0.32 3.04
C GLU A 297 20.23 0.39 4.10
N LEU B 10 -0.97 -10.79 -14.93
CA LEU B 10 -1.03 -12.22 -15.41
C LEU B 10 -2.23 -12.99 -14.84
N ASN B 11 -2.44 -14.19 -15.38
CA ASN B 11 -3.38 -15.18 -14.81
C ASN B 11 -2.68 -15.96 -13.69
N VAL B 12 -3.43 -16.85 -13.03
CA VAL B 12 -2.88 -17.87 -12.12
C VAL B 12 -2.11 -18.95 -12.92
N ILE B 13 -0.94 -19.33 -12.41
CA ILE B 13 -0.17 -20.48 -12.90
C ILE B 13 -0.76 -21.78 -12.33
N LYS B 14 -1.40 -22.57 -13.20
CA LYS B 14 -1.87 -23.91 -12.86
C LYS B 14 -0.63 -24.82 -12.87
N MET B 15 -0.30 -25.39 -11.70
CA MET B 15 0.89 -26.24 -11.52
C MET B 15 0.47 -27.72 -11.55
N LYS B 16 1.45 -28.58 -11.84
CA LYS B 16 1.32 -30.04 -11.75
C LYS B 16 2.13 -30.53 -10.54
N SER B 17 1.82 -31.74 -10.07
CA SER B 17 2.55 -32.36 -8.94
C SER B 17 4.01 -32.66 -9.29
N SER B 18 4.24 -33.12 -10.51
CA SER B 18 5.59 -33.29 -11.10
C SER B 18 6.52 -32.05 -11.03
N ASP B 19 5.97 -30.84 -10.97
CA ASP B 19 6.76 -29.60 -10.77
C ASP B 19 7.53 -29.51 -9.44
N PHE B 20 7.13 -30.29 -8.44
CA PHE B 20 7.78 -30.31 -7.12
C PHE B 20 8.65 -31.55 -6.91
N LEU B 21 9.94 -31.35 -6.61
CA LEU B 21 10.94 -32.43 -6.42
C LEU B 21 10.64 -33.27 -5.17
N GLU B 22 10.36 -32.59 -4.07
CA GLU B 22 10.01 -33.19 -2.79
C GLU B 22 8.92 -32.38 -2.12
N SER B 23 8.31 -32.96 -1.08
CA SER B 23 7.36 -32.22 -0.24
C SER B 23 7.16 -32.75 1.19
N ALA B 24 7.96 -32.23 2.13
CA ALA B 24 7.88 -32.61 3.55
C ALA B 24 6.76 -31.93 4.33
N GLU B 25 5.99 -32.71 5.11
CA GLU B 25 4.81 -32.20 5.87
C GLU B 25 5.17 -31.30 7.06
N LEU B 26 4.31 -30.31 7.34
CA LEU B 26 4.43 -29.37 8.48
C LEU B 26 3.16 -29.37 9.34
N ASP B 27 3.24 -28.63 10.46
CA ASP B 27 2.07 -28.15 11.20
C ASP B 27 1.50 -26.94 10.46
N LYS B 33 -3.89 -30.00 5.44
CA LYS B 33 -2.59 -30.67 5.26
C LYS B 33 -1.54 -29.73 4.64
N VAL B 34 -0.92 -28.91 5.50
CA VAL B 34 0.11 -27.93 5.08
C VAL B 34 1.47 -28.66 4.99
N SER B 35 2.20 -28.35 3.94
CA SER B 35 3.38 -29.12 3.52
C SER B 35 4.41 -28.21 2.84
N LEU B 36 5.66 -28.37 3.24
CA LEU B 36 6.80 -27.69 2.63
C LEU B 36 7.05 -28.33 1.27
N ALA B 37 7.33 -27.56 0.23
CA ALA B 37 7.41 -28.08 -1.14
C ALA B 37 8.38 -27.31 -2.01
N PHE B 38 9.41 -27.99 -2.52
CA PHE B 38 10.45 -27.36 -3.34
C PHE B 38 10.06 -27.51 -4.80
N HIS B 39 9.82 -26.39 -5.48
CA HIS B 39 9.52 -26.34 -6.91
C HIS B 39 10.79 -26.56 -7.74
N ARG B 40 10.65 -27.15 -8.94
CA ARG B 40 11.76 -27.47 -9.86
C ARG B 40 12.65 -26.26 -10.22
N THR B 41 12.03 -25.27 -10.86
CA THR B 41 12.68 -24.00 -11.22
C THR B 41 12.52 -22.82 -10.24
N GLN B 42 11.58 -22.89 -9.29
CA GLN B 42 11.04 -21.71 -8.56
C GLN B 42 11.24 -21.70 -7.03
N GLY B 43 11.86 -22.75 -6.46
CA GLY B 43 12.31 -22.72 -5.08
C GLY B 43 11.30 -23.14 -4.04
N LEU B 44 11.57 -22.74 -2.79
CA LEU B 44 10.83 -23.26 -1.63
C LEU B 44 9.47 -22.59 -1.52
N MET B 45 8.44 -23.41 -1.31
CA MET B 45 7.03 -22.95 -1.24
C MET B 45 6.31 -23.76 -0.17
N ILE B 46 5.09 -23.32 0.13
CA ILE B 46 4.22 -23.98 1.11
C ILE B 46 2.95 -24.38 0.37
N MET B 47 2.56 -25.64 0.51
CA MET B 47 1.44 -26.26 -0.21
C MET B 47 0.39 -26.70 0.81
N LYS B 48 -0.82 -26.13 0.71
CA LYS B 48 -2.00 -26.63 1.45
C LYS B 48 -2.76 -27.51 0.48
N THR B 49 -2.75 -28.81 0.75
CA THR B 49 -3.52 -29.77 -0.02
C THR B 49 -4.86 -29.91 0.68
N VAL B 50 -5.88 -29.25 0.10
CA VAL B 50 -7.20 -29.08 0.73
C VAL B 50 -8.06 -30.35 0.64
N TYR B 51 -7.92 -31.13 -0.44
CA TYR B 51 -8.71 -32.36 -0.67
C TYR B 51 -7.84 -33.45 -1.32
N LYS B 52 -7.96 -34.68 -0.80
CA LYS B 52 -7.48 -35.91 -1.45
C LYS B 52 -8.53 -37.02 -1.24
N GLY B 53 -9.09 -37.52 -2.33
CA GLY B 53 -10.12 -38.57 -2.28
C GLY B 53 -10.51 -39.06 -3.67
N PRO B 54 -11.80 -39.39 -3.90
CA PRO B 54 -12.26 -39.65 -5.27
C PRO B 54 -12.24 -38.41 -6.17
N ASN B 55 -12.27 -38.64 -7.48
CA ASN B 55 -12.23 -37.57 -8.47
C ASN B 55 -13.58 -36.79 -8.40
N CYS B 56 -13.48 -35.51 -8.03
CA CYS B 56 -14.64 -34.68 -7.62
C CYS B 56 -15.54 -34.32 -8.79
N ILE B 57 -16.79 -33.96 -8.48
CA ILE B 57 -17.74 -33.38 -9.46
C ILE B 57 -17.20 -32.04 -9.95
N GLU B 58 -17.57 -31.65 -11.17
CA GLU B 58 -17.00 -30.44 -11.82
C GLU B 58 -17.31 -29.13 -11.07
N HIS B 59 -16.49 -28.91 -10.04
CA HIS B 59 -16.33 -27.64 -9.34
C HIS B 59 -15.00 -26.96 -9.72
N ASN B 60 -14.27 -27.54 -10.68
CA ASN B 60 -12.90 -27.13 -11.05
C ASN B 60 -12.88 -25.70 -11.58
N GLU B 61 -13.75 -25.43 -12.55
CA GLU B 61 -13.95 -24.07 -13.12
C GLU B 61 -14.18 -23.00 -12.06
N ALA B 62 -15.04 -23.30 -11.09
CA ALA B 62 -15.33 -22.44 -9.94
C ALA B 62 -14.12 -22.25 -9.04
N LEU B 63 -13.51 -23.38 -8.66
CA LEU B 63 -12.26 -23.43 -7.86
C LEU B 63 -11.12 -22.65 -8.50
N LEU B 64 -10.97 -22.82 -9.83
CA LEU B 64 -9.95 -22.09 -10.61
C LEU B 64 -10.27 -20.60 -10.72
N GLU B 65 -11.54 -20.28 -11.00
CA GLU B 65 -12.02 -18.88 -10.93
C GLU B 65 -11.79 -18.24 -9.55
N GLU B 66 -12.01 -19.01 -8.49
CA GLU B 66 -11.78 -18.55 -7.12
C GLU B 66 -10.32 -18.24 -6.87
N ALA B 67 -9.44 -19.17 -7.27
CA ALA B 67 -7.99 -18.97 -7.19
C ALA B 67 -7.51 -17.77 -8.03
N LYS B 68 -8.03 -17.64 -9.26
CA LYS B 68 -7.79 -16.44 -10.11
C LYS B 68 -8.18 -15.13 -9.41
N MET B 69 -9.34 -15.14 -8.76
CA MET B 69 -9.90 -13.97 -8.10
C MET B 69 -9.10 -13.52 -6.89
N MET B 70 -8.64 -14.48 -6.09
CA MET B 70 -7.84 -14.18 -4.91
C MET B 70 -6.38 -13.90 -5.26
N ASN B 71 -5.93 -14.24 -6.48
CA ASN B 71 -4.63 -13.80 -7.03
C ASN B 71 -4.60 -12.32 -7.46
N ARG B 72 -5.76 -11.72 -7.72
CA ARG B 72 -5.87 -10.26 -7.92
C ARG B 72 -5.52 -9.42 -6.68
N LEU B 73 -5.58 -10.05 -5.49
CA LEU B 73 -5.15 -9.41 -4.24
C LEU B 73 -3.63 -9.40 -4.11
N ARG B 74 -3.03 -8.31 -4.63
CA ARG B 74 -1.58 -8.14 -4.74
C ARG B 74 -1.12 -6.88 -3.98
N HIS B 75 -0.44 -7.10 -2.87
CA HIS B 75 0.14 -6.02 -2.06
C HIS B 75 1.29 -6.54 -1.20
N SER B 76 2.30 -5.70 -0.97
CA SER B 76 3.50 -6.03 -0.17
C SER B 76 3.26 -6.66 1.23
N ARG B 77 2.17 -6.27 1.88
CA ARG B 77 1.74 -6.81 3.16
C ARG B 77 0.59 -7.84 3.09
N VAL B 78 0.41 -8.53 1.95
CA VAL B 78 -0.42 -9.77 1.86
C VAL B 78 0.24 -10.86 1.01
N VAL B 79 -0.06 -12.11 1.35
CA VAL B 79 0.52 -13.28 0.66
C VAL B 79 0.07 -13.48 -0.79
N LYS B 80 1.03 -13.85 -1.65
CA LYS B 80 0.78 -14.27 -3.02
C LYS B 80 0.47 -15.77 -3.03
N LEU B 81 -0.70 -16.13 -3.57
CA LEU B 81 -0.93 -17.45 -4.15
C LEU B 81 -0.01 -17.58 -5.38
N LEU B 82 0.99 -18.47 -5.32
CA LEU B 82 1.95 -18.71 -6.42
C LEU B 82 1.40 -19.65 -7.49
N GLY B 83 0.59 -20.62 -7.06
CA GLY B 83 -0.11 -21.49 -7.98
C GLY B 83 -1.14 -22.40 -7.32
N VAL B 84 -1.76 -23.22 -8.17
CA VAL B 84 -2.88 -24.10 -7.79
C VAL B 84 -2.73 -25.43 -8.54
N ILE B 85 -2.95 -26.55 -7.86
CA ILE B 85 -2.85 -27.90 -8.41
C ILE B 85 -4.23 -28.50 -8.37
N ILE B 86 -4.75 -28.86 -9.54
CA ILE B 86 -6.06 -29.47 -9.71
C ILE B 86 -5.81 -30.76 -10.50
N GLU B 87 -5.80 -31.88 -9.80
CA GLU B 87 -5.55 -33.22 -10.38
C GLU B 87 -6.65 -34.20 -9.96
N GLU B 88 -6.63 -35.40 -10.55
CA GLU B 88 -7.69 -36.40 -10.31
C GLU B 88 -7.71 -36.82 -8.83
N GLY B 89 -8.66 -36.25 -8.08
CA GLY B 89 -8.79 -36.52 -6.64
C GLY B 89 -7.67 -35.96 -5.78
N LYS B 90 -7.15 -34.80 -6.14
CA LYS B 90 -6.11 -34.09 -5.34
C LYS B 90 -6.12 -32.60 -5.70
N TYR B 91 -6.44 -31.75 -4.73
CA TYR B 91 -6.65 -30.32 -4.91
C TYR B 91 -5.77 -29.55 -3.93
N SER B 92 -4.83 -28.76 -4.44
CA SER B 92 -3.89 -28.02 -3.57
C SER B 92 -3.68 -26.58 -4.02
N LEU B 93 -3.46 -25.72 -3.03
CA LEU B 93 -3.06 -24.31 -3.23
C LEU B 93 -1.60 -24.20 -2.83
N VAL B 94 -0.86 -23.33 -3.53
CA VAL B 94 0.59 -23.13 -3.27
C VAL B 94 0.85 -21.64 -3.00
N MET B 95 1.31 -21.32 -1.78
CA MET B 95 1.68 -19.93 -1.40
C MET B 95 3.17 -19.75 -1.10
N GLU B 96 3.58 -18.48 -0.99
CA GLU B 96 4.98 -18.12 -0.71
C GLU B 96 5.43 -18.56 0.68
N TYR B 97 6.68 -18.99 0.76
CA TYR B 97 7.32 -19.43 1.99
C TYR B 97 7.70 -18.20 2.83
N MET B 98 7.19 -18.14 4.05
CA MET B 98 7.52 -17.08 5.02
C MET B 98 8.28 -17.71 6.19
N GLU B 99 9.57 -17.38 6.29
CA GLU B 99 10.54 -18.19 7.06
C GLU B 99 10.26 -18.32 8.55
N LYS B 100 10.00 -17.20 9.22
CA LYS B 100 9.74 -17.17 10.67
C LYS B 100 8.32 -17.62 11.13
N GLY B 101 7.44 -18.00 10.20
CA GLY B 101 6.14 -18.57 10.53
C GLY B 101 5.14 -17.51 10.92
N ASN B 102 4.11 -17.91 11.68
CA ASN B 102 3.07 -16.98 12.15
C ASN B 102 3.59 -16.03 13.25
N LEU B 103 2.80 -15.00 13.55
CA LEU B 103 3.20 -13.94 14.46
C LEU B 103 3.39 -14.40 15.91
N MET B 104 2.50 -15.25 16.40
CA MET B 104 2.61 -15.78 17.78
C MET B 104 3.87 -16.62 18.00
N HIS B 105 4.24 -17.44 17.01
CA HIS B 105 5.49 -18.19 17.03
C HIS B 105 6.72 -17.28 17.15
N VAL B 106 6.70 -16.16 16.41
CA VAL B 106 7.75 -15.12 16.48
C VAL B 106 7.80 -14.45 17.85
N LEU B 107 6.62 -14.12 18.40
CA LEU B 107 6.54 -13.50 19.71
C LEU B 107 7.03 -14.41 20.84
N LYS B 108 6.65 -15.69 20.78
CA LYS B 108 6.99 -16.65 21.83
C LYS B 108 8.43 -17.14 21.71
N ALA B 109 8.82 -17.63 20.54
CA ALA B 109 10.14 -18.28 20.34
C ALA B 109 11.31 -17.31 20.44
N GLU B 110 11.09 -16.03 20.14
CA GLU B 110 12.08 -14.98 20.39
C GLU B 110 12.07 -14.58 21.87
N MET B 111 10.96 -13.99 22.33
CA MET B 111 10.90 -13.15 23.55
C MET B 111 11.98 -12.04 23.55
N SER B 112 12.35 -11.61 22.33
CA SER B 112 13.56 -10.82 22.05
C SER B 112 13.32 -9.68 21.04
N THR B 113 12.06 -9.28 20.85
CA THR B 113 11.67 -8.44 19.72
C THR B 113 11.63 -7.01 20.25
N PRO B 114 12.38 -6.08 19.61
CA PRO B 114 12.28 -4.68 20.02
C PRO B 114 10.92 -4.02 19.69
N LEU B 115 10.59 -3.02 20.50
CA LEU B 115 9.45 -2.11 20.28
C LEU B 115 9.40 -1.51 18.88
N SER B 116 10.56 -1.12 18.35
CA SER B 116 10.72 -0.60 16.97
C SER B 116 10.27 -1.57 15.89
N VAL B 117 10.60 -2.84 16.09
CA VAL B 117 10.21 -3.91 15.16
C VAL B 117 8.71 -4.19 15.31
N LYS B 118 8.22 -4.28 16.54
CA LYS B 118 6.79 -4.52 16.83
C LYS B 118 5.89 -3.41 16.30
N GLY B 119 6.31 -2.17 16.52
CA GLY B 119 5.67 -0.99 15.93
C GLY B 119 5.57 -1.05 14.41
N ARG B 120 6.67 -1.45 13.77
CA ARG B 120 6.70 -1.68 12.32
C ARG B 120 5.77 -2.84 11.90
N ILE B 121 5.77 -3.92 12.67
CA ILE B 121 4.86 -5.06 12.44
C ILE B 121 3.38 -4.62 12.51
N ILE B 122 3.06 -3.77 13.49
CA ILE B 122 1.73 -3.19 13.62
C ILE B 122 1.40 -2.35 12.38
N LEU B 123 2.34 -1.49 11.98
CA LEU B 123 2.16 -0.62 10.81
C LEU B 123 1.96 -1.41 9.52
N GLU B 124 2.68 -2.52 9.38
CA GLU B 124 2.52 -3.42 8.24
C GLU B 124 1.14 -4.12 8.25
N ILE B 125 0.70 -4.57 9.42
CA ILE B 125 -0.68 -5.10 9.59
C ILE B 125 -1.74 -4.04 9.18
N ILE B 126 -1.52 -2.79 9.54
CA ILE B 126 -2.41 -1.66 9.18
C ILE B 126 -2.40 -1.41 7.65
N GLU B 127 -1.20 -1.28 7.07
CA GLU B 127 -1.00 -1.18 5.61
C GLU B 127 -1.72 -2.30 4.84
N GLY B 128 -1.63 -3.54 5.34
CA GLY B 128 -2.22 -4.72 4.69
C GLY B 128 -3.73 -4.79 4.77
N MET B 129 -4.27 -4.58 5.97
CA MET B 129 -5.72 -4.52 6.18
C MET B 129 -6.40 -3.36 5.45
N ALA B 130 -5.71 -2.22 5.38
CA ALA B 130 -6.14 -1.09 4.56
C ALA B 130 -6.28 -1.44 3.07
N TYR B 131 -5.33 -2.20 2.54
CA TYR B 131 -5.38 -2.71 1.15
C TYR B 131 -6.60 -3.60 0.95
N LEU B 132 -6.76 -4.58 1.86
CA LEU B 132 -7.88 -5.56 1.80
C LEU B 132 -9.25 -4.89 1.81
N HIS B 133 -9.45 -3.99 2.76
CA HIS B 133 -10.68 -3.21 2.86
C HIS B 133 -10.85 -2.29 1.65
N GLY B 134 -9.76 -1.69 1.18
CA GLY B 134 -9.71 -0.93 -0.08
C GLY B 134 -10.09 -1.69 -1.35
N LYS B 135 -9.96 -3.03 -1.33
CA LYS B 135 -10.53 -3.93 -2.37
C LYS B 135 -11.96 -4.46 -2.05
N GLY B 136 -12.61 -3.93 -1.03
CA GLY B 136 -13.89 -4.46 -0.52
C GLY B 136 -13.83 -5.86 0.09
N VAL B 137 -12.67 -6.26 0.59
CA VAL B 137 -12.46 -7.58 1.19
C VAL B 137 -12.37 -7.42 2.69
N ILE B 138 -13.36 -7.98 3.38
CA ILE B 138 -13.28 -8.18 4.83
C ILE B 138 -12.52 -9.50 5.09
N HIS B 139 -11.58 -9.46 6.02
CA HIS B 139 -10.92 -10.68 6.55
C HIS B 139 -11.82 -11.21 7.68
N LYS B 140 -12.46 -12.36 7.51
CA LYS B 140 -13.45 -12.83 8.51
C LYS B 140 -12.76 -13.32 9.82
N ASP B 141 -11.62 -13.99 9.69
CA ASP B 141 -10.86 -14.59 10.82
C ASP B 141 -9.42 -14.05 10.99
N LEU B 142 -9.28 -12.76 11.30
CA LEU B 142 -7.97 -12.13 11.56
C LEU B 142 -7.44 -12.54 12.93
N LYS B 143 -6.18 -12.96 12.97
CA LYS B 143 -5.52 -13.44 14.20
C LYS B 143 -4.02 -13.60 13.97
N PRO B 144 -3.21 -13.77 15.05
CA PRO B 144 -1.76 -13.92 14.90
C PRO B 144 -1.32 -15.09 14.04
N GLU B 145 -2.05 -16.20 14.10
CA GLU B 145 -1.86 -17.36 13.19
C GLU B 145 -1.95 -17.00 11.69
N ASN B 146 -2.79 -16.03 11.36
CA ASN B 146 -2.90 -15.46 9.99
C ASN B 146 -2.00 -14.26 9.64
N ILE B 147 -1.05 -13.93 10.51
CA ILE B 147 -0.06 -12.89 10.24
C ILE B 147 1.28 -13.62 10.16
N LEU B 148 1.78 -13.78 8.93
CA LEU B 148 3.01 -14.53 8.67
C LEU B 148 4.18 -13.57 8.59
N VAL B 149 5.33 -14.01 9.09
CA VAL B 149 6.51 -13.17 9.30
C VAL B 149 7.68 -13.77 8.50
N ASP B 150 8.33 -12.94 7.68
CA ASP B 150 9.54 -13.36 6.92
C ASP B 150 10.83 -13.28 7.74
N ASN B 151 11.95 -13.70 7.12
CA ASN B 151 13.29 -13.70 7.73
C ASN B 151 13.77 -12.35 8.32
N ASP B 152 13.33 -11.24 7.71
CA ASP B 152 13.66 -9.86 8.13
C ASP B 152 12.58 -9.20 9.03
N PHE B 153 11.73 -10.00 9.70
CA PHE B 153 10.59 -9.50 10.53
C PHE B 153 9.53 -8.62 9.81
N HIS B 154 9.50 -8.66 8.46
CA HIS B 154 8.46 -8.02 7.68
C HIS B 154 7.32 -9.02 7.60
N ILE B 155 6.08 -8.53 7.54
CA ILE B 155 4.90 -9.40 7.59
C ILE B 155 4.05 -9.37 6.32
N LYS B 156 3.22 -10.41 6.20
CA LYS B 156 2.15 -10.51 5.19
C LYS B 156 0.94 -11.23 5.79
N ILE B 157 -0.25 -10.66 5.56
CA ILE B 157 -1.52 -11.20 6.06
C ILE B 157 -1.97 -12.33 5.13
N ALA B 158 -2.55 -13.36 5.75
CA ALA B 158 -2.95 -14.61 5.08
C ALA B 158 -4.32 -15.05 5.56
N ASP B 159 -4.94 -15.95 4.81
CA ASP B 159 -6.29 -16.47 5.09
C ASP B 159 -6.22 -18.01 5.12
N LEU B 160 -5.44 -18.52 6.07
CA LEU B 160 -5.06 -19.95 6.09
C LEU B 160 -6.21 -20.93 6.35
N GLY B 161 -7.28 -20.46 7.00
CA GLY B 161 -8.51 -21.24 7.15
C GLY B 161 -9.47 -21.23 5.97
N LEU B 162 -9.11 -20.53 4.87
CA LEU B 162 -9.95 -20.36 3.68
C LEU B 162 -11.34 -19.75 4.01
N ALA B 163 -11.33 -18.71 4.86
CA ALA B 163 -12.58 -18.03 5.26
C ALA B 163 -13.25 -17.30 4.09
N SER B 164 -12.44 -16.52 3.37
CA SER B 164 -12.87 -15.76 2.19
C SER B 164 -12.98 -16.59 0.91
N PHE B 165 -12.37 -17.80 0.88
CA PHE B 165 -12.45 -18.72 -0.26
C PHE B 165 -13.63 -19.73 0.02
N LYS B 166 -14.84 -19.40 -0.43
CA LYS B 166 -16.05 -20.22 -0.16
C LYS B 166 -16.04 -21.62 -0.80
N MET B 167 -15.62 -21.71 -2.06
CA MET B 167 -15.61 -22.96 -2.83
C MET B 167 -14.54 -23.96 -2.35
N TRP B 168 -13.33 -23.48 -2.12
CA TRP B 168 -12.23 -24.31 -1.58
C TRP B 168 -12.52 -24.79 -0.15
N SER B 169 -13.05 -23.90 0.69
CA SER B 169 -13.55 -24.26 2.06
C SER B 169 -14.66 -25.34 2.06
N LYS B 170 -15.55 -25.28 1.08
CA LYS B 170 -16.60 -26.30 0.91
C LYS B 170 -16.01 -27.64 0.45
N LEU B 171 -15.01 -27.59 -0.43
CA LEU B 171 -14.27 -28.75 -0.91
C LEU B 171 -13.53 -29.50 0.21
N ASN B 172 -13.05 -28.79 1.23
CA ASN B 172 -12.51 -29.42 2.45
C ASN B 172 -13.54 -30.27 3.19
N ASN B 173 -14.70 -29.66 3.49
CA ASN B 173 -15.69 -30.26 4.39
C ASN B 173 -16.43 -31.49 3.85
N GLU B 174 -16.40 -31.66 2.52
CA GLU B 174 -16.66 -32.93 1.81
C GLU B 174 -16.57 -34.22 2.64
N GLU B 175 -17.63 -35.04 2.63
CA GLU B 175 -17.61 -36.37 3.28
C GLU B 175 -16.53 -37.30 2.70
N HIS B 176 -16.32 -37.18 1.37
CA HIS B 176 -15.40 -38.05 0.62
C HIS B 176 -13.91 -37.76 0.80
N ASN B 177 -13.56 -36.62 1.42
CA ASN B 177 -12.18 -36.24 1.64
C ASN B 177 -11.54 -37.16 2.67
N GLU B 178 -10.36 -37.70 2.34
CA GLU B 178 -9.57 -38.56 3.26
C GLU B 178 -8.57 -37.77 4.16
N LEU B 179 -8.90 -36.51 4.52
CA LEU B 179 -8.11 -35.69 5.43
C LEU B 179 -9.01 -35.21 6.60
N THR B 192 -9.93 -18.87 17.40
CA THR B 192 -10.73 -17.87 16.70
C THR B 192 -11.64 -17.03 17.63
N LEU B 193 -12.18 -17.67 18.69
CA LEU B 193 -13.07 -17.01 19.67
C LEU B 193 -12.42 -15.86 20.45
N TYR B 194 -11.11 -15.94 20.70
CA TYR B 194 -10.37 -14.85 21.37
C TYR B 194 -10.33 -13.54 20.58
N TYR B 195 -10.30 -13.65 19.24
CA TYR B 195 -10.22 -12.49 18.34
C TYR B 195 -11.55 -12.09 17.73
N MET B 196 -12.63 -12.78 18.10
CA MET B 196 -13.95 -12.59 17.50
C MET B 196 -14.66 -11.45 18.21
N ALA B 197 -15.30 -10.57 17.41
CA ALA B 197 -16.04 -9.42 17.96
C ALA B 197 -17.34 -9.90 18.61
N PRO B 198 -17.74 -9.28 19.74
CA PRO B 198 -18.89 -9.78 20.52
C PRO B 198 -20.23 -9.81 19.79
N GLU B 199 -20.45 -8.89 18.85
CA GLU B 199 -21.58 -8.96 17.90
C GLU B 199 -21.69 -10.30 17.15
N HIS B 200 -20.54 -10.89 16.81
CA HIS B 200 -20.47 -12.20 16.14
C HIS B 200 -20.52 -13.38 17.09
N LEU B 201 -20.14 -13.18 18.37
CA LEU B 201 -20.28 -14.20 19.40
C LEU B 201 -21.77 -14.59 19.62
N ASN B 202 -22.05 -15.90 19.57
CA ASN B 202 -23.40 -16.49 19.63
C ASN B 202 -24.39 -16.03 18.53
N ASP B 203 -23.87 -15.89 17.30
CA ASP B 203 -24.61 -15.34 16.14
C ASP B 203 -24.31 -16.15 14.86
N VAL B 204 -25.22 -17.07 14.51
CA VAL B 204 -25.14 -17.86 13.27
C VAL B 204 -25.28 -17.04 11.97
N ASN B 205 -25.99 -15.90 12.04
CA ASN B 205 -26.09 -14.95 10.94
C ASN B 205 -25.13 -13.78 11.26
N ALA B 206 -23.84 -14.11 11.43
CA ALA B 206 -22.76 -13.13 11.63
C ALA B 206 -22.44 -12.44 10.29
N LYS B 207 -22.96 -11.21 10.09
CA LYS B 207 -22.74 -10.44 8.85
C LYS B 207 -21.58 -9.49 9.16
N PRO B 208 -20.35 -9.78 8.66
CA PRO B 208 -19.22 -8.94 9.05
C PRO B 208 -19.18 -7.55 8.42
N THR B 209 -18.37 -6.69 9.03
CA THR B 209 -18.12 -5.32 8.60
C THR B 209 -16.63 -5.04 8.67
N GLU B 210 -16.23 -3.83 8.25
CA GLU B 210 -14.85 -3.35 8.47
C GLU B 210 -14.47 -3.30 9.96
N LYS B 211 -15.44 -3.02 10.81
CA LYS B 211 -15.25 -2.98 12.27
C LYS B 211 -15.05 -4.35 12.91
N SER B 212 -15.55 -5.44 12.29
CA SER B 212 -15.27 -6.83 12.69
C SER B 212 -13.78 -7.12 12.84
N ASP B 213 -13.02 -6.66 11.85
CA ASP B 213 -11.55 -6.82 11.80
C ASP B 213 -10.78 -5.91 12.74
N VAL B 214 -11.32 -4.71 12.98
CA VAL B 214 -10.71 -3.74 13.89
C VAL B 214 -10.73 -4.30 15.32
N TYR B 215 -11.84 -4.97 15.71
CA TYR B 215 -11.89 -5.68 16.99
C TYR B 215 -10.77 -6.72 17.12
N SER B 216 -10.63 -7.53 16.07
CA SER B 216 -9.60 -8.55 16.02
C SER B 216 -8.20 -7.92 16.12
N PHE B 217 -7.98 -6.87 15.32
CA PHE B 217 -6.76 -6.03 15.35
C PHE B 217 -6.37 -5.52 16.75
N ALA B 218 -7.37 -5.19 17.56
CA ALA B 218 -7.16 -4.79 18.95
C ALA B 218 -6.57 -5.89 19.82
N VAL B 219 -7.16 -7.08 19.74
CA VAL B 219 -6.66 -8.23 20.49
C VAL B 219 -5.26 -8.68 19.95
N VAL B 220 -5.03 -8.50 18.64
CA VAL B 220 -3.69 -8.67 18.03
C VAL B 220 -2.66 -7.71 18.65
N LEU B 221 -3.04 -6.44 18.82
CA LEU B 221 -2.16 -5.46 19.45
C LEU B 221 -1.77 -5.89 20.86
N TRP B 222 -2.77 -6.32 21.62
CA TRP B 222 -2.55 -6.86 22.97
C TRP B 222 -1.61 -8.06 22.99
N ALA B 223 -1.82 -8.96 22.04
CA ALA B 223 -0.97 -10.14 21.88
C ALA B 223 0.47 -9.74 21.56
N ILE B 224 0.64 -8.72 20.71
CA ILE B 224 1.99 -8.21 20.32
C ILE B 224 2.81 -7.73 21.53
N PHE B 225 2.15 -7.11 22.51
CA PHE B 225 2.80 -6.67 23.74
C PHE B 225 2.76 -7.66 24.90
N ALA B 226 1.78 -8.55 24.91
CA ALA B 226 1.73 -9.66 25.90
C ALA B 226 2.59 -10.87 25.54
N ASN B 227 2.94 -11.04 24.27
CA ASN B 227 3.65 -12.25 23.75
C ASN B 227 2.94 -13.58 24.10
N LYS B 228 1.60 -13.52 24.12
CA LYS B 228 0.77 -14.66 24.47
C LYS B 228 -0.67 -14.46 24.03
N GLU B 229 -1.41 -15.56 24.00
CA GLU B 229 -2.85 -15.56 23.80
C GLU B 229 -3.53 -14.94 25.04
N PRO B 230 -4.68 -14.25 24.87
CA PRO B 230 -5.42 -13.72 26.02
C PRO B 230 -6.29 -14.76 26.75
N TYR B 231 -6.72 -14.38 27.96
CA TYR B 231 -7.74 -15.07 28.75
C TYR B 231 -7.29 -16.42 29.36
N GLU B 232 -6.07 -16.46 29.87
CA GLU B 232 -5.48 -17.71 30.41
C GLU B 232 -6.06 -18.20 31.74
N ASN B 233 -6.87 -17.40 32.43
CA ASN B 233 -7.63 -17.81 33.62
C ASN B 233 -9.09 -18.19 33.34
N ALA B 234 -9.54 -18.11 32.08
CA ALA B 234 -10.85 -18.59 31.65
C ALA B 234 -10.90 -20.12 31.64
N ILE B 235 -11.92 -20.72 32.29
CA ILE B 235 -12.03 -22.21 32.40
C ILE B 235 -13.02 -22.78 31.37
N ALA B 236 -14.27 -22.32 31.42
CA ALA B 236 -15.32 -22.76 30.51
C ALA B 236 -15.36 -21.87 29.28
N GLU B 237 -15.84 -22.42 28.17
CA GLU B 237 -16.03 -21.66 26.92
C GLU B 237 -17.16 -20.64 27.06
N GLN B 238 -18.30 -21.07 27.60
CA GLN B 238 -19.44 -20.18 27.87
C GLN B 238 -19.17 -19.06 28.88
N GLN B 239 -18.29 -19.33 29.85
CA GLN B 239 -17.73 -18.29 30.73
C GLN B 239 -16.98 -17.22 29.93
N LEU B 240 -16.17 -17.64 28.94
CA LEU B 240 -15.46 -16.69 28.08
C LEU B 240 -16.40 -15.90 27.17
N ILE B 241 -17.36 -16.57 26.53
CA ILE B 241 -18.21 -15.95 25.49
C ILE B 241 -19.17 -14.94 26.09
N MET B 242 -19.80 -15.32 27.19
CA MET B 242 -20.72 -14.43 27.90
C MET B 242 -19.99 -13.26 28.54
N ALA B 243 -18.86 -13.52 29.21
CA ALA B 243 -18.05 -12.47 29.88
C ALA B 243 -17.53 -11.38 28.95
N ILE B 244 -17.10 -11.76 27.74
CA ILE B 244 -16.66 -10.81 26.70
C ILE B 244 -17.82 -9.94 26.22
N LYS B 245 -18.94 -10.58 25.85
CA LYS B 245 -20.19 -9.87 25.51
C LYS B 245 -20.72 -8.97 26.67
N SER B 246 -20.47 -9.41 27.90
CA SER B 246 -20.73 -8.62 29.11
C SER B 246 -19.66 -7.55 29.45
N GLY B 247 -18.65 -7.33 28.59
CA GLY B 247 -17.67 -6.25 28.72
C GLY B 247 -16.20 -6.63 28.75
N ASN B 248 -15.87 -7.91 29.00
CA ASN B 248 -14.48 -8.31 29.26
C ASN B 248 -13.63 -8.16 28.01
N ARG B 249 -12.37 -7.83 28.22
CA ARG B 249 -11.34 -7.77 27.16
C ARG B 249 -10.10 -8.49 27.70
N PRO B 250 -8.99 -8.55 26.92
CA PRO B 250 -7.73 -9.01 27.51
C PRO B 250 -7.22 -8.14 28.66
N ASP B 251 -6.59 -8.77 29.65
CA ASP B 251 -6.07 -8.08 30.84
C ASP B 251 -4.92 -7.17 30.41
N VAL B 252 -5.17 -5.87 30.45
CA VAL B 252 -4.20 -4.84 30.06
C VAL B 252 -3.01 -4.76 31.05
N ASP B 253 -3.23 -5.15 32.32
CA ASP B 253 -2.15 -5.26 33.33
C ASP B 253 -1.01 -6.24 33.01
N ASP B 254 -1.22 -7.17 32.08
CA ASP B 254 -0.12 -7.96 31.46
C ASP B 254 0.84 -7.20 30.53
N ILE B 255 0.41 -6.06 30.00
CA ILE B 255 1.16 -5.31 28.97
C ILE B 255 1.58 -3.85 29.30
N THR B 256 1.56 -3.44 30.58
CA THR B 256 2.22 -2.19 31.02
C THR B 256 3.76 -2.34 30.97
N GLU B 257 4.27 -3.58 31.13
CA GLU B 257 5.64 -3.97 30.68
C GLU B 257 5.72 -3.77 29.16
N TYR B 258 6.81 -3.17 28.74
CA TYR B 258 6.69 -1.91 28.00
C TYR B 258 5.90 -1.85 26.68
N CYS B 259 4.60 -1.52 26.81
CA CYS B 259 3.75 -1.05 25.71
C CYS B 259 3.57 0.47 25.91
N PRO B 260 3.75 1.30 24.86
CA PRO B 260 3.41 2.73 24.96
C PRO B 260 1.93 2.98 25.29
N ARG B 261 1.66 4.08 25.99
CA ARG B 261 0.28 4.45 26.37
C ARG B 261 -0.64 4.71 25.16
N GLU B 262 -0.07 5.31 24.12
CA GLU B 262 -0.78 5.58 22.86
C GLU B 262 -1.26 4.31 22.10
N ILE B 263 -0.49 3.22 22.21
CA ILE B 263 -0.89 1.90 21.66
C ILE B 263 -1.96 1.23 22.55
N ILE B 264 -1.83 1.34 23.88
CA ILE B 264 -2.85 0.81 24.83
C ILE B 264 -4.18 1.58 24.63
N SER B 265 -4.07 2.92 24.46
CA SER B 265 -5.19 3.77 24.05
C SER B 265 -5.87 3.29 22.78
N LEU B 266 -5.06 2.98 21.76
CA LEU B 266 -5.56 2.49 20.48
C LEU B 266 -6.36 1.19 20.62
N MET B 267 -5.83 0.21 21.36
CA MET B 267 -6.46 -1.11 21.47
C MET B 267 -7.79 -1.07 22.21
N LYS B 268 -7.86 -0.30 23.30
CA LYS B 268 -9.11 0.00 24.00
C LYS B 268 -10.17 0.53 23.04
N LEU B 269 -9.76 1.46 22.17
CA LEU B 269 -10.65 2.09 21.21
C LEU B 269 -11.08 1.13 20.11
N CYS B 270 -10.11 0.40 19.58
CA CYS B 270 -10.36 -0.60 18.54
C CYS B 270 -11.21 -1.79 19.02
N TRP B 271 -11.19 -2.13 20.32
CA TRP B 271 -12.05 -3.20 20.87
C TRP B 271 -13.33 -2.77 21.56
N GLU B 272 -13.81 -1.56 21.27
CA GLU B 272 -15.03 -1.01 21.91
C GLU B 272 -16.23 -1.88 21.50
N ALA B 273 -17.15 -2.11 22.46
CA ALA B 273 -18.29 -3.02 22.27
C ALA B 273 -19.25 -2.57 21.16
N ASN B 274 -19.52 -1.25 21.08
CA ASN B 274 -20.25 -0.65 19.95
C ASN B 274 -19.25 -0.51 18.78
N PRO B 275 -19.50 -1.20 17.62
CA PRO B 275 -18.55 -1.08 16.48
C PRO B 275 -18.41 0.33 15.86
N GLU B 276 -19.47 1.15 15.90
CA GLU B 276 -19.41 2.55 15.44
C GLU B 276 -18.35 3.43 16.13
N ALA B 277 -17.99 3.10 17.38
CA ALA B 277 -16.84 3.74 18.06
C ALA B 277 -15.46 3.41 17.46
N ARG B 278 -15.31 2.18 16.97
CA ARG B 278 -14.02 1.68 16.46
C ARG B 278 -13.67 2.37 15.14
N PRO B 279 -12.40 2.77 14.94
CA PRO B 279 -12.02 3.48 13.71
C PRO B 279 -11.86 2.57 12.50
N THR B 280 -11.67 3.16 11.33
CA THR B 280 -11.29 2.43 10.10
C THR B 280 -9.76 2.29 10.07
N PHE B 281 -9.27 1.35 9.27
CA PHE B 281 -7.82 1.17 9.08
C PHE B 281 -7.08 2.37 8.44
N PRO B 282 -7.71 3.08 7.47
CA PRO B 282 -7.16 4.36 7.01
C PRO B 282 -7.06 5.42 8.10
N GLY B 283 -8.08 5.47 8.96
CA GLY B 283 -8.09 6.31 10.15
C GLY B 283 -6.98 5.98 11.14
N ILE B 284 -6.74 4.69 11.35
CA ILE B 284 -5.65 4.19 12.20
C ILE B 284 -4.28 4.56 11.60
N GLU B 285 -4.11 4.32 10.29
CA GLU B 285 -2.85 4.62 9.59
C GLU B 285 -2.46 6.09 9.64
N GLU B 286 -3.42 6.99 9.39
CA GLU B 286 -3.18 8.44 9.41
C GLU B 286 -2.55 8.92 10.72
N LYS B 287 -3.00 8.37 11.86
CA LYS B 287 -2.44 8.68 13.19
C LYS B 287 -1.20 7.84 13.53
N PHE B 288 -1.29 6.52 13.32
CA PHE B 288 -0.23 5.58 13.77
C PHE B 288 1.11 5.73 13.00
N ARG B 289 1.06 6.05 11.71
CA ARG B 289 2.29 6.24 10.91
C ARG B 289 3.19 7.40 11.42
N PRO B 290 2.61 8.57 11.77
CA PRO B 290 3.36 9.59 12.50
C PRO B 290 3.96 9.13 13.83
N PHE B 291 3.16 8.41 14.63
CA PHE B 291 3.60 7.88 15.92
C PHE B 291 4.73 6.86 15.77
N TYR B 292 4.67 6.01 14.75
CA TYR B 292 5.75 5.04 14.46
C TYR B 292 7.10 5.73 14.21
N LEU B 293 7.10 6.74 13.36
CA LEU B 293 8.35 7.39 12.89
C LEU B 293 9.00 8.29 13.95
N SER B 294 8.19 9.06 14.68
CA SER B 294 8.68 9.96 15.73
C SER B 294 9.15 9.24 16.99
N GLN B 295 8.37 8.25 17.44
CA GLN B 295 8.59 7.54 18.73
C GLN B 295 9.21 6.14 18.60
N LEU B 296 8.68 5.31 17.72
CA LEU B 296 8.91 3.85 17.75
C LEU B 296 10.14 3.36 16.98
N GLU B 297 10.33 3.84 15.74
CA GLU B 297 11.43 3.37 14.87
C GLU B 297 12.83 3.67 15.41
#